data_9EBV
#
_entry.id   9EBV
#
_cell.length_a   110.718
_cell.length_b   68.927
_cell.length_c   82.654
_cell.angle_alpha   90.00
_cell.angle_beta   90.00
_cell.angle_gamma   90.00
#
_symmetry.space_group_name_H-M   'P 21 21 2'
#
loop_
_entity.id
_entity.type
_entity.pdbx_description
1 polymer 'RNA (81-MER)'
2 non-polymer 'MAGNESIUM ION'
3 non-polymer 'POTASSIUM ION'
4 non-polymer LUMICHROME
5 water water
#
_entity_poly.entity_id   1
_entity_poly.type   'polyribonucleotide'
_entity_poly.pdbx_seq_one_letter_code
;(GDP)GAUGAAAAAACACGAUUCGGUUGGUAGUCCGGAUGCCGAAAGGUCAGUAACCUUCCACGAAAGUGGAUGUCCAUC
AUCCA
;
_entity_poly.pdbx_strand_id   A,M
#